data_7L1W
#
_entry.id   7L1W
#
_cell.length_a   96.950
_cell.length_b   96.950
_cell.length_c   40.899
_cell.angle_alpha   90.000
_cell.angle_beta   90.000
_cell.angle_gamma   120.000
#
_symmetry.space_group_name_H-M   'P 63'
#
loop_
_entity.id
_entity.type
_entity.pdbx_description
1 polymer Exo-B-1,4-beta-xylanase
2 non-polymer '2-(N-MORPHOLINO)-ETHANESULFONIC ACID'
3 water water
#
_entity_poly.entity_id   1
_entity_poly.type   'polypeptide(L)'
_entity_poly.pdbx_seq_one_letter_code
;EPKMPPAVADAKASGIARFNAYTQYFPEATLITQPHATGHVGNFFFTHWKDGGSAALDLDAKGNFSVSWQGGGYNYVGGP
GWHFGDKNRVIGYRFNQDSGASYITLYGWGYDKSMPATDPAHLVEYYILQRWTYDPSQDGIYGKTFVSNGIEYSTYRSIR
KVKPSINGPTTFYQYWSKPSAQQELGKDHKIIFADHVKAWADTGWILPDMNNFDASDDPTYQVLAVEVFNPQKNGTASGQ
VWDETPR
;
_entity_poly.pdbx_strand_id   A
#
loop_
_chem_comp.id
_chem_comp.type
_chem_comp.name
_chem_comp.formula
MES non-polymer '2-(N-MORPHOLINO)-ETHANESULFONIC ACID' 'C6 H13 N O4 S'
#
# COMPACT_ATOMS: atom_id res chain seq x y z
N LYS A 3 11.86 15.29 9.94
CA LYS A 3 12.52 16.49 9.46
C LYS A 3 11.64 17.71 9.69
N MET A 4 11.12 18.35 8.62
CA MET A 4 10.43 19.62 8.85
C MET A 4 8.91 19.47 8.99
N PRO A 5 8.21 18.76 8.10
CA PRO A 5 6.81 18.43 8.38
C PRO A 5 6.69 17.68 9.70
N PRO A 6 5.76 18.06 10.57
CA PRO A 6 5.78 17.54 11.96
C PRO A 6 5.72 16.02 12.06
N ALA A 7 4.96 15.36 11.19
CA ALA A 7 4.90 13.90 11.27
C ALA A 7 6.19 13.26 10.76
N VAL A 8 6.85 13.92 9.80
CA VAL A 8 8.17 13.46 9.37
C VAL A 8 9.19 13.64 10.49
N ALA A 9 9.09 14.76 11.20
CA ALA A 9 9.94 14.96 12.37
C ALA A 9 9.77 13.83 13.37
N ASP A 10 8.51 13.46 13.63
CA ASP A 10 8.22 12.40 14.59
C ASP A 10 8.80 11.07 14.14
N ALA A 11 8.57 10.72 12.87
CA ALA A 11 9.13 9.49 12.33
C ALA A 11 10.65 9.50 12.42
N LYS A 12 11.28 10.63 12.12
CA LYS A 12 12.73 10.73 12.24
C LYS A 12 13.16 10.52 13.68
N ALA A 13 12.45 11.16 14.62
CA ALA A 13 12.81 11.07 16.03
C ALA A 13 12.58 9.67 16.59
N SER A 14 11.63 8.93 16.02
CA SER A 14 11.41 7.54 16.43
C SER A 14 12.33 6.56 15.73
N GLY A 15 13.21 7.03 14.85
CA GLY A 15 14.23 6.21 14.25
C GLY A 15 13.86 5.53 12.95
N ILE A 16 12.98 6.12 12.15
CA ILE A 16 12.61 5.47 10.90
C ILE A 16 13.82 5.26 10.01
N ALA A 17 14.88 6.06 10.17
CA ALA A 17 16.01 5.95 9.25
C ALA A 17 16.83 4.70 9.48
N ARG A 18 16.63 3.98 10.58
CA ARG A 18 17.38 2.75 10.78
C ARG A 18 16.94 1.65 9.83
N PHE A 19 15.73 1.74 9.26
CA PHE A 19 15.32 0.74 8.29
C PHE A 19 16.23 0.78 7.07
N ASN A 20 16.73 -0.38 6.67
CA ASN A 20 17.72 -0.43 5.60
C ASN A 20 17.24 0.31 4.35
N ALA A 21 16.00 0.10 3.96
CA ALA A 21 15.51 0.69 2.72
C ALA A 21 15.24 2.19 2.84
N TYR A 22 15.22 2.74 4.04
CA TYR A 22 14.85 4.15 4.17
C TYR A 22 15.97 5.03 3.62
N THR A 23 15.58 6.03 2.84
CA THR A 23 16.55 6.97 2.28
C THR A 23 16.58 8.23 3.15
N GLN A 24 15.69 9.19 2.87
CA GLN A 24 15.71 10.46 3.59
C GLN A 24 14.39 11.19 3.36
N TYR A 25 14.28 12.37 3.97
CA TYR A 25 13.23 13.33 3.65
C TYR A 25 13.68 14.21 2.51
N PHE A 26 12.85 14.31 1.49
CA PHE A 26 13.08 15.19 0.35
C PHE A 26 12.08 16.34 0.42
N PRO A 27 12.51 17.60 0.52
CA PRO A 27 11.54 18.69 0.56
C PRO A 27 10.90 18.98 -0.79
N GLU A 28 11.52 18.57 -1.89
CA GLU A 28 11.01 18.83 -3.23
C GLU A 28 10.85 17.51 -3.98
N ALA A 29 10.25 17.61 -5.17
CA ALA A 29 9.96 16.43 -5.98
C ALA A 29 11.22 15.60 -6.21
N THR A 30 11.04 14.28 -6.21
CA THR A 30 12.16 13.35 -6.27
C THR A 30 11.79 12.20 -7.19
N LEU A 31 12.77 11.77 -7.99
CA LEU A 31 12.62 10.60 -8.85
C LEU A 31 13.38 9.44 -8.22
N ILE A 32 12.67 8.36 -7.91
CA ILE A 32 13.24 7.20 -7.23
C ILE A 32 13.41 6.08 -8.26
N THR A 33 14.65 5.64 -8.44
CA THR A 33 15.01 4.67 -9.48
C THR A 33 15.76 3.46 -8.97
N GLN A 34 16.18 3.44 -7.71
CA GLN A 34 16.99 2.35 -7.22
C GLN A 34 16.10 1.13 -6.94
N PRO A 35 16.71 -0.04 -6.69
CA PRO A 35 15.88 -1.26 -6.55
C PRO A 35 14.83 -1.20 -5.46
N HIS A 36 15.16 -0.64 -4.30
CA HIS A 36 14.24 -0.67 -3.17
C HIS A 36 14.50 0.55 -2.30
N ALA A 37 13.45 1.33 -2.05
CA ALA A 37 13.61 2.55 -1.26
C ALA A 37 12.30 2.88 -0.56
N THR A 38 12.44 3.35 0.68
CA THR A 38 11.38 4.09 1.32
C THR A 38 11.93 5.47 1.66
N GLY A 39 11.04 6.38 2.04
CA GLY A 39 11.45 7.73 2.36
C GLY A 39 10.24 8.62 2.49
N HIS A 40 10.50 9.93 2.52
CA HIS A 40 9.45 10.93 2.60
C HIS A 40 9.72 11.99 1.55
N VAL A 41 8.69 12.37 0.78
CA VAL A 41 8.72 13.56 -0.07
C VAL A 41 7.68 14.50 0.51
N GLY A 42 8.11 15.64 1.04
CA GLY A 42 7.17 16.43 1.81
C GLY A 42 6.64 15.62 2.97
N ASN A 43 5.34 15.71 3.21
CA ASN A 43 4.71 14.93 4.27
C ASN A 43 4.32 13.52 3.81
N PHE A 44 4.63 13.14 2.58
CA PHE A 44 4.19 11.85 2.01
C PHE A 44 5.28 10.79 2.17
N PHE A 45 4.94 9.72 2.89
CA PHE A 45 5.79 8.54 2.90
C PHE A 45 5.73 7.87 1.54
N PHE A 46 6.79 7.14 1.17
CA PHE A 46 6.68 6.30 0.00
C PHE A 46 7.41 4.99 0.21
N THR A 47 6.94 3.97 -0.50
CA THR A 47 7.68 2.73 -0.65
C THR A 47 7.83 2.44 -2.14
N HIS A 48 8.93 1.77 -2.50
CA HIS A 48 9.27 1.60 -3.91
C HIS A 48 10.13 0.35 -4.00
N TRP A 49 9.73 -0.61 -4.83
CA TRP A 49 10.43 -1.88 -4.86
C TRP A 49 10.26 -2.51 -6.24
N LYS A 50 11.38 -2.90 -6.86
CA LYS A 50 11.35 -3.65 -8.10
C LYS A 50 12.39 -4.76 -8.01
N ASP A 51 12.14 -5.89 -8.66
CA ASP A 51 13.20 -6.89 -8.74
C ASP A 51 14.06 -6.71 -9.99
N GLY A 52 13.89 -5.61 -10.70
CA GLY A 52 14.75 -5.29 -11.82
C GLY A 52 14.09 -4.30 -12.74
N GLY A 53 14.82 -3.95 -13.80
CA GLY A 53 14.30 -3.05 -14.81
C GLY A 53 14.37 -1.60 -14.40
N SER A 54 13.80 -0.74 -15.25
CA SER A 54 13.91 0.71 -15.07
C SER A 54 12.75 1.31 -14.28
N ALA A 55 11.87 0.50 -13.69
CA ALA A 55 10.70 1.04 -13.00
C ALA A 55 11.11 2.15 -12.04
N ALA A 56 10.32 3.21 -12.01
CA ALA A 56 10.69 4.42 -11.28
C ALA A 56 9.44 5.10 -10.76
N LEU A 57 9.58 5.76 -9.61
CA LEU A 57 8.52 6.52 -8.99
C LEU A 57 8.92 7.98 -8.95
N ASP A 58 8.11 8.84 -9.56
CA ASP A 58 8.32 10.28 -9.53
C ASP A 58 7.26 10.85 -8.59
N LEU A 59 7.69 11.47 -7.49
CA LEU A 59 6.77 11.89 -6.45
C LEU A 59 7.13 13.30 -6.00
N ASP A 60 6.13 14.17 -5.86
CA ASP A 60 6.38 15.51 -5.34
C ASP A 60 5.75 15.69 -3.97
N ALA A 61 6.03 16.84 -3.35
CA ALA A 61 5.57 17.08 -1.99
C ALA A 61 4.08 17.40 -1.91
N LYS A 62 3.38 17.47 -3.05
CA LYS A 62 1.93 17.62 -3.06
C LYS A 62 1.20 16.30 -3.26
N GLY A 63 1.93 15.18 -3.26
CA GLY A 63 1.31 13.88 -3.44
C GLY A 63 1.05 13.49 -4.88
N ASN A 64 1.43 14.31 -5.84
CA ASN A 64 1.34 13.90 -7.24
C ASN A 64 2.42 12.89 -7.53
N PHE A 65 2.10 11.87 -8.31
CA PHE A 65 3.10 10.86 -8.57
C PHE A 65 2.87 10.22 -9.92
N SER A 66 3.94 9.63 -10.45
CA SER A 66 3.85 8.83 -11.65
C SER A 66 4.76 7.63 -11.49
N VAL A 67 4.30 6.47 -11.93
CA VAL A 67 5.06 5.23 -11.88
C VAL A 67 5.20 4.73 -13.31
N SER A 68 6.42 4.40 -13.71
CA SER A 68 6.66 3.72 -14.97
C SER A 68 7.24 2.35 -14.68
N TRP A 69 6.93 1.40 -15.55
CA TRP A 69 7.53 0.07 -15.43
C TRP A 69 7.93 -0.41 -16.81
N GLN A 70 8.90 -1.32 -16.81
CA GLN A 70 9.49 -1.86 -18.02
C GLN A 70 8.95 -3.25 -18.25
N GLY A 71 8.92 -3.65 -19.52
CA GLY A 71 8.62 -5.04 -19.84
C GLY A 71 9.75 -5.95 -19.38
N GLY A 72 9.67 -7.20 -19.85
CA GLY A 72 10.64 -8.18 -19.42
C GLY A 72 10.29 -8.90 -18.13
N GLY A 73 9.07 -8.70 -17.62
CA GLY A 73 8.60 -9.46 -16.48
C GLY A 73 9.02 -8.97 -15.11
N TYR A 74 9.66 -7.80 -15.00
CA TYR A 74 10.11 -7.34 -13.69
C TYR A 74 8.93 -6.87 -12.85
N ASN A 75 8.85 -7.35 -11.62
CA ASN A 75 7.75 -6.99 -10.73
C ASN A 75 8.03 -5.63 -10.08
N TYR A 76 6.95 -4.90 -9.79
CA TYR A 76 7.08 -3.61 -9.14
C TYR A 76 5.94 -3.42 -8.15
N VAL A 77 6.26 -2.86 -6.97
CA VAL A 77 5.23 -2.39 -6.06
C VAL A 77 5.70 -1.07 -5.45
N GLY A 78 4.89 -0.03 -5.57
CA GLY A 78 5.28 1.23 -4.98
C GLY A 78 4.20 2.29 -5.07
N GLY A 79 4.32 3.28 -4.18
CA GLY A 79 3.41 4.39 -4.18
C GLY A 79 3.53 5.22 -2.91
N PRO A 80 2.79 6.32 -2.87
CA PRO A 80 2.90 7.26 -1.74
C PRO A 80 1.77 7.15 -0.73
N GLY A 81 2.00 7.70 0.46
CA GLY A 81 0.97 7.72 1.48
C GLY A 81 1.55 8.06 2.84
N TRP A 82 1.38 7.16 3.82
CA TRP A 82 1.68 7.44 5.21
C TRP A 82 2.57 6.32 5.77
N HIS A 83 3.43 6.66 6.74
CA HIS A 83 4.24 5.62 7.35
C HIS A 83 3.52 4.84 8.44
N PHE A 84 2.25 5.13 8.68
CA PHE A 84 1.44 4.38 9.62
C PHE A 84 0.01 4.31 9.13
N GLY A 85 -0.70 3.29 9.58
CA GLY A 85 -2.11 3.15 9.29
C GLY A 85 -2.98 3.70 10.40
N ASP A 86 -4.16 4.16 10.03
CA ASP A 86 -5.11 4.81 10.92
C ASP A 86 -6.48 4.27 10.55
N LYS A 87 -7.15 3.62 11.52
CA LYS A 87 -8.45 2.99 11.24
C LYS A 87 -9.49 4.00 10.75
N ASN A 88 -9.35 5.26 11.11
CA ASN A 88 -10.34 6.27 10.75
C ASN A 88 -9.90 7.15 9.60
N ARG A 89 -8.81 6.80 8.92
CA ARG A 89 -8.37 7.62 7.80
C ARG A 89 -9.31 7.47 6.62
N VAL A 90 -9.55 8.58 5.93
CA VAL A 90 -10.23 8.58 4.65
C VAL A 90 -9.21 9.03 3.62
N ILE A 91 -8.98 8.19 2.60
CA ILE A 91 -7.94 8.42 1.61
C ILE A 91 -8.60 8.92 0.33
N GLY A 92 -8.13 10.04 -0.19
CA GLY A 92 -8.55 10.51 -1.50
C GLY A 92 -7.46 10.24 -2.53
N TYR A 93 -7.89 9.91 -3.75
CA TYR A 93 -6.92 9.71 -4.83
C TYR A 93 -7.62 9.84 -6.17
N ARG A 94 -6.80 9.99 -7.21
CA ARG A 94 -7.23 9.85 -8.59
C ARG A 94 -6.08 9.26 -9.38
N PHE A 95 -6.40 8.58 -10.48
CA PHE A 95 -5.43 8.23 -11.49
C PHE A 95 -5.86 8.87 -12.80
N ASN A 96 -4.96 9.59 -13.44
CA ASN A 96 -5.25 10.14 -14.75
C ASN A 96 -4.85 9.21 -15.88
N GLN A 97 -3.95 8.28 -15.60
CA GLN A 97 -3.49 7.34 -16.61
C GLN A 97 -3.16 6.02 -15.94
N ASP A 98 -3.43 4.93 -16.67
CA ASP A 98 -3.09 3.59 -16.20
C ASP A 98 -3.04 2.69 -17.44
N SER A 99 -1.81 2.39 -17.90
CA SER A 99 -1.59 1.52 -19.05
C SER A 99 -2.12 0.11 -18.87
N GLY A 100 -2.44 -0.29 -17.63
CA GLY A 100 -2.79 -1.67 -17.36
C GLY A 100 -1.93 -2.29 -16.27
N ALA A 101 -1.77 -1.60 -15.14
CA ALA A 101 -1.07 -2.20 -14.01
C ALA A 101 -1.76 -3.49 -13.59
N SER A 102 -1.00 -4.40 -12.99
CA SER A 102 -1.62 -5.60 -12.43
C SER A 102 -2.73 -5.24 -11.45
N TYR A 103 -2.43 -4.36 -10.49
CA TYR A 103 -3.53 -3.80 -9.72
C TYR A 103 -3.08 -2.52 -9.06
N ILE A 104 -4.07 -1.67 -8.79
CA ILE A 104 -3.89 -0.40 -8.10
C ILE A 104 -4.76 -0.46 -6.85
N THR A 105 -4.17 -0.13 -5.70
CA THR A 105 -4.78 -0.55 -4.44
C THR A 105 -4.24 0.30 -3.29
N LEU A 106 -5.10 0.57 -2.31
CA LEU A 106 -4.55 0.91 -1.00
C LEU A 106 -3.81 -0.31 -0.47
N TYR A 107 -2.66 -0.08 0.15
CA TYR A 107 -1.76 -1.17 0.48
C TYR A 107 -1.05 -0.85 1.80
N GLY A 108 -1.09 -1.79 2.74
CA GLY A 108 -0.48 -1.47 4.03
C GLY A 108 -0.31 -2.72 4.87
N TRP A 109 0.23 -2.50 6.08
CA TRP A 109 0.57 -3.60 6.97
C TRP A 109 0.13 -3.33 8.40
N GLY A 110 -0.18 -4.40 9.11
CA GLY A 110 -0.27 -4.38 10.56
C GLY A 110 0.65 -5.46 11.11
N TYR A 111 1.16 -5.24 12.32
CA TYR A 111 2.13 -6.16 12.89
C TYR A 111 2.11 -6.01 14.40
N ASP A 112 1.89 -7.12 15.11
CA ASP A 112 1.82 -7.10 16.57
C ASP A 112 2.91 -8.01 17.13
N LYS A 113 4.01 -7.42 17.61
CA LYS A 113 5.12 -8.23 18.12
C LYS A 113 4.74 -8.98 19.39
N SER A 114 3.66 -8.57 20.07
CA SER A 114 3.24 -9.25 21.29
C SER A 114 2.45 -10.52 21.02
N MET A 115 2.08 -10.78 19.78
CA MET A 115 1.37 -11.99 19.41
C MET A 115 2.35 -13.09 19.02
N PRO A 116 1.99 -14.36 19.25
CA PRO A 116 2.85 -15.44 18.76
C PRO A 116 2.99 -15.39 17.25
N ALA A 117 4.24 -15.49 16.78
CA ALA A 117 4.48 -15.49 15.34
C ALA A 117 3.89 -16.72 14.67
N THR A 118 3.57 -17.76 15.43
CA THR A 118 2.91 -18.93 14.89
C THR A 118 1.42 -18.70 14.63
N ASP A 119 0.89 -17.54 15.01
CA ASP A 119 -0.46 -17.15 14.63
C ASP A 119 -0.35 -16.23 13.43
N PRO A 120 -0.87 -16.60 12.26
CA PRO A 120 -0.69 -15.74 11.08
C PRO A 120 -1.35 -14.39 11.22
N ALA A 121 -2.26 -14.23 12.18
CA ALA A 121 -2.90 -12.93 12.42
C ALA A 121 -1.96 -11.93 13.09
N HIS A 122 -0.75 -12.34 13.48
CA HIS A 122 0.21 -11.41 14.08
C HIS A 122 0.75 -10.40 13.09
N LEU A 123 0.60 -10.67 11.80
CA LEU A 123 1.14 -9.85 10.73
C LEU A 123 0.15 -9.91 9.60
N VAL A 124 -0.32 -8.76 9.12
CA VAL A 124 -1.31 -8.73 8.05
C VAL A 124 -0.90 -7.71 7.00
N GLU A 125 -0.94 -8.14 5.74
CA GLU A 125 -0.76 -7.33 4.55
C GLU A 125 -2.15 -7.08 4.00
N TYR A 126 -2.59 -5.83 3.93
CA TYR A 126 -3.97 -5.57 3.54
C TYR A 126 -4.05 -4.72 2.28
N TYR A 127 -5.15 -4.92 1.56
CA TYR A 127 -5.36 -4.31 0.25
C TYR A 127 -6.80 -3.86 0.12
N ILE A 128 -7.01 -2.64 -0.36
CA ILE A 128 -8.31 -2.24 -0.84
C ILE A 128 -8.13 -2.00 -2.34
N LEU A 129 -8.49 -3.01 -3.14
CA LEU A 129 -8.28 -2.93 -4.58
C LEU A 129 -9.17 -1.86 -5.20
N GLN A 130 -8.67 -1.22 -6.26
CA GLN A 130 -9.44 -0.21 -6.97
C GLN A 130 -9.46 -0.42 -8.47
N ARG A 131 -8.34 -0.83 -9.09
CA ARG A 131 -8.27 -1.21 -10.49
C ARG A 131 -7.41 -2.45 -10.59
N TRP A 132 -7.70 -3.33 -11.57
CA TRP A 132 -6.87 -4.52 -11.71
C TRP A 132 -7.02 -5.12 -13.10
N THR A 133 -5.92 -5.68 -13.60
CA THR A 133 -5.94 -6.60 -14.73
C THR A 133 -5.58 -8.01 -14.31
N TYR A 134 -5.13 -8.18 -13.07
CA TYR A 134 -4.84 -9.46 -12.46
C TYR A 134 -5.60 -9.48 -11.14
N ASP A 135 -6.22 -10.63 -10.79
CA ASP A 135 -6.93 -10.70 -9.53
C ASP A 135 -6.01 -11.27 -8.45
N PRO A 136 -5.42 -10.43 -7.61
CA PRO A 136 -4.50 -10.94 -6.60
C PRO A 136 -5.17 -11.63 -5.46
N SER A 137 -6.51 -11.51 -5.34
CA SER A 137 -7.26 -12.19 -4.27
C SER A 137 -7.66 -13.61 -4.65
N GLN A 138 -7.17 -14.11 -5.80
CA GLN A 138 -7.60 -15.41 -6.32
C GLN A 138 -7.24 -16.57 -5.39
N ASP A 139 -6.29 -16.41 -4.48
CA ASP A 139 -5.99 -17.47 -3.52
C ASP A 139 -6.70 -17.28 -2.19
N GLY A 140 -7.64 -16.34 -2.10
CA GLY A 140 -8.25 -15.99 -0.84
C GLY A 140 -9.59 -16.68 -0.63
N ILE A 141 -9.99 -16.74 0.63
CA ILE A 141 -11.32 -17.23 1.01
C ILE A 141 -12.24 -16.02 1.10
N TYR A 142 -13.51 -16.23 0.78
CA TYR A 142 -14.48 -15.14 0.74
C TYR A 142 -15.06 -14.86 2.12
N GLY A 143 -15.13 -13.58 2.48
CA GLY A 143 -15.72 -13.18 3.74
C GLY A 143 -17.15 -12.68 3.64
N LYS A 144 -17.33 -11.43 3.21
CA LYS A 144 -18.67 -10.87 3.12
C LYS A 144 -18.69 -9.77 2.06
N THR A 145 -19.91 -9.32 1.74
CA THR A 145 -20.13 -8.27 0.76
C THR A 145 -20.82 -7.10 1.46
N PHE A 146 -20.43 -5.88 1.11
CA PHE A 146 -20.92 -4.71 1.82
C PHE A 146 -20.76 -3.51 0.90
N VAL A 147 -21.25 -2.36 1.34
CA VAL A 147 -21.22 -1.14 0.54
C VAL A 147 -20.50 -0.06 1.32
N SER A 148 -19.58 0.63 0.65
CA SER A 148 -18.86 1.74 1.27
C SER A 148 -18.73 2.84 0.23
N ASN A 149 -19.13 4.06 0.59
CA ASN A 149 -19.15 5.19 -0.35
C ASN A 149 -19.93 4.84 -1.62
N GLY A 150 -21.01 4.09 -1.44
CA GLY A 150 -21.85 3.74 -2.57
C GLY A 150 -21.28 2.70 -3.50
N ILE A 151 -20.18 2.06 -3.13
CA ILE A 151 -19.50 1.05 -3.94
C ILE A 151 -19.63 -0.28 -3.23
N GLU A 152 -20.04 -1.33 -3.96
CA GLU A 152 -20.10 -2.66 -3.38
C GLU A 152 -18.72 -3.29 -3.38
N TYR A 153 -18.30 -3.80 -2.21
CA TYR A 153 -17.04 -4.50 -2.04
C TYR A 153 -17.30 -5.89 -1.46
N SER A 154 -16.41 -6.81 -1.78
CA SER A 154 -16.39 -8.14 -1.17
C SER A 154 -15.01 -8.37 -0.54
N THR A 155 -14.98 -9.01 0.64
CA THR A 155 -13.72 -9.25 1.33
C THR A 155 -13.18 -10.65 1.09
N TYR A 156 -11.85 -10.78 1.15
CA TYR A 156 -11.16 -12.05 1.04
C TYR A 156 -9.98 -12.08 2.01
N ARG A 157 -9.57 -13.29 2.39
CA ARG A 157 -8.38 -13.48 3.20
C ARG A 157 -7.55 -14.63 2.63
N SER A 158 -6.25 -14.38 2.45
N SER A 158 -6.27 -14.39 2.41
CA SER A 158 -5.32 -15.38 1.95
CA SER A 158 -5.36 -15.43 1.96
C SER A 158 -4.24 -15.64 2.99
C SER A 158 -4.24 -15.65 2.98
N ILE A 159 -3.56 -16.77 2.86
CA ILE A 159 -2.46 -17.14 3.75
C ILE A 159 -1.18 -17.23 2.93
N ARG A 160 -0.12 -16.61 3.42
CA ARG A 160 1.19 -16.68 2.79
C ARG A 160 2.10 -17.46 3.72
N LYS A 161 2.67 -18.56 3.23
CA LYS A 161 3.44 -19.45 4.08
C LYS A 161 4.93 -19.31 3.77
N VAL A 162 5.70 -18.91 4.78
CA VAL A 162 7.13 -18.64 4.69
C VAL A 162 7.43 -17.82 3.43
N LYS A 163 6.90 -16.61 3.37
CA LYS A 163 7.04 -15.71 2.23
C LYS A 163 7.60 -14.38 2.71
N PRO A 164 8.15 -13.57 1.80
CA PRO A 164 8.72 -12.27 2.23
C PRO A 164 7.67 -11.36 2.84
N SER A 165 8.14 -10.48 3.71
CA SER A 165 7.23 -9.61 4.46
C SER A 165 8.05 -8.49 5.07
N ILE A 166 7.35 -7.48 5.59
CA ILE A 166 8.04 -6.39 6.28
C ILE A 166 8.76 -6.87 7.53
N ASN A 167 8.49 -8.09 7.99
CA ASN A 167 9.20 -8.67 9.13
C ASN A 167 10.10 -9.84 8.74
N GLY A 168 10.48 -9.93 7.46
CA GLY A 168 11.28 -11.04 7.01
C GLY A 168 10.40 -12.21 6.59
N PRO A 169 11.01 -13.29 6.09
CA PRO A 169 10.22 -14.45 5.66
C PRO A 169 9.49 -15.08 6.83
N THR A 170 8.17 -15.24 6.67
CA THR A 170 7.33 -15.68 7.77
C THR A 170 5.98 -16.08 7.20
N THR A 171 5.05 -16.48 8.08
CA THR A 171 3.73 -16.95 7.67
C THR A 171 2.69 -15.97 8.21
N PHE A 172 1.86 -15.42 7.31
CA PHE A 172 1.00 -14.30 7.67
C PHE A 172 -0.23 -14.28 6.77
N TYR A 173 -1.23 -13.49 7.19
CA TYR A 173 -2.48 -13.35 6.44
C TYR A 173 -2.45 -12.11 5.55
N GLN A 174 -3.16 -12.18 4.43
CA GLN A 174 -3.48 -11.02 3.60
C GLN A 174 -4.97 -10.78 3.66
N TYR A 175 -5.37 -9.52 3.88
CA TYR A 175 -6.78 -9.12 3.81
C TYR A 175 -7.03 -8.33 2.54
N TRP A 176 -8.13 -8.64 1.86
CA TRP A 176 -8.48 -7.98 0.61
C TRP A 176 -9.89 -7.41 0.71
N SER A 177 -10.10 -6.32 -0.02
CA SER A 177 -11.44 -5.79 -0.26
C SER A 177 -11.47 -5.41 -1.74
N LYS A 178 -12.41 -5.97 -2.49
CA LYS A 178 -12.43 -5.87 -3.95
C LYS A 178 -13.77 -5.32 -4.40
N PRO A 179 -13.80 -4.23 -5.16
CA PRO A 179 -15.08 -3.64 -5.56
C PRO A 179 -15.68 -4.36 -6.77
N SER A 180 -16.97 -4.12 -6.97
CA SER A 180 -17.72 -4.73 -8.05
C SER A 180 -17.34 -4.21 -9.43
N ALA A 181 -16.63 -3.08 -9.51
CA ALA A 181 -16.32 -2.48 -10.79
C ALA A 181 -14.97 -1.79 -10.68
N GLN A 182 -14.28 -1.70 -11.81
CA GLN A 182 -13.06 -0.92 -11.88
C GLN A 182 -13.38 0.55 -11.57
N GLN A 183 -12.51 1.18 -10.78
CA GLN A 183 -12.69 2.59 -10.46
C GLN A 183 -12.13 3.44 -11.59
N GLU A 184 -12.94 4.40 -12.06
CA GLU A 184 -12.69 5.06 -13.33
C GLU A 184 -11.46 5.96 -13.27
N LEU A 185 -10.76 6.07 -14.40
CA LEU A 185 -9.71 7.07 -14.51
C LEU A 185 -10.31 8.48 -14.60
N GLY A 186 -9.49 9.47 -14.28
CA GLY A 186 -9.89 10.85 -14.49
C GLY A 186 -10.90 11.38 -13.51
N LYS A 187 -11.06 10.74 -12.35
CA LYS A 187 -12.08 11.11 -11.40
C LYS A 187 -11.54 10.87 -10.00
N ASP A 188 -11.87 11.77 -9.08
CA ASP A 188 -11.46 11.60 -7.69
C ASP A 188 -12.28 10.50 -7.04
N HIS A 189 -11.60 9.63 -6.28
CA HIS A 189 -12.24 8.59 -5.50
C HIS A 189 -11.86 8.74 -4.03
N LYS A 190 -12.57 8.00 -3.18
CA LYS A 190 -12.43 8.12 -1.74
C LYS A 190 -12.50 6.73 -1.14
N ILE A 191 -11.56 6.40 -0.25
CA ILE A 191 -11.55 5.11 0.44
C ILE A 191 -11.79 5.41 1.92
N ILE A 192 -12.96 5.00 2.42
CA ILE A 192 -13.32 5.18 3.83
C ILE A 192 -12.78 3.94 4.54
N PHE A 193 -11.53 4.01 5.01
CA PHE A 193 -10.84 2.82 5.49
C PHE A 193 -11.62 2.14 6.62
N ALA A 194 -12.26 2.93 7.48
CA ALA A 194 -12.98 2.35 8.62
C ALA A 194 -14.06 1.37 8.18
N ASP A 195 -14.68 1.60 7.01
CA ASP A 195 -15.69 0.68 6.50
C ASP A 195 -15.09 -0.70 6.21
N HIS A 196 -13.86 -0.72 5.68
CA HIS A 196 -13.22 -1.97 5.31
C HIS A 196 -12.67 -2.68 6.55
N VAL A 197 -12.12 -1.91 7.47
CA VAL A 197 -11.72 -2.47 8.77
C VAL A 197 -12.90 -3.15 9.44
N LYS A 198 -14.07 -2.48 9.43
CA LYS A 198 -15.25 -3.08 10.04
C LYS A 198 -15.69 -4.33 9.30
N ALA A 199 -15.70 -4.29 7.96
CA ALA A 199 -16.11 -5.47 7.19
C ALA A 199 -15.23 -6.66 7.51
N TRP A 200 -13.92 -6.44 7.62
CA TRP A 200 -13.02 -7.53 8.01
C TRP A 200 -13.30 -7.99 9.42
N ALA A 201 -13.50 -7.06 10.36
CA ALA A 201 -13.79 -7.46 11.74
C ALA A 201 -15.10 -8.23 11.84
N ASP A 202 -16.03 -7.96 10.93
CA ASP A 202 -17.34 -8.60 10.96
C ASP A 202 -17.24 -10.11 10.78
N THR A 203 -16.22 -10.58 10.06
CA THR A 203 -15.95 -12.01 9.95
C THR A 203 -14.78 -12.46 10.82
N GLY A 204 -14.44 -11.66 11.83
CA GLY A 204 -13.39 -12.04 12.75
C GLY A 204 -11.98 -11.85 12.25
N TRP A 205 -11.79 -11.10 11.18
CA TRP A 205 -10.46 -10.80 10.64
C TRP A 205 -10.02 -9.46 11.20
N ILE A 206 -9.19 -9.51 12.25
CA ILE A 206 -8.77 -8.33 13.00
C ILE A 206 -7.40 -7.90 12.50
N LEU A 207 -7.20 -6.58 12.42
CA LEU A 207 -5.92 -6.03 12.00
C LEU A 207 -4.99 -5.88 13.20
N PRO A 208 -3.78 -6.39 13.11
CA PRO A 208 -2.79 -6.13 14.16
C PRO A 208 -2.28 -4.71 14.03
N ASP A 209 -1.59 -4.29 15.08
CA ASP A 209 -1.11 -2.92 15.25
C ASP A 209 -0.57 -2.27 13.97
N MET A 210 -1.12 -1.10 13.62
CA MET A 210 -0.77 -0.40 12.39
C MET A 210 0.05 0.86 12.64
N ASN A 211 0.61 1.04 13.83
CA ASN A 211 1.37 2.26 14.12
C ASN A 211 2.63 1.92 14.92
N ASN A 212 3.57 1.22 14.29
CA ASN A 212 4.79 0.86 14.98
C ASN A 212 5.92 0.65 13.99
N PHE A 213 7.15 0.70 14.53
CA PHE A 213 8.37 0.40 13.81
C PHE A 213 8.98 -0.93 14.29
N ASP A 214 8.14 -1.86 14.75
CA ASP A 214 8.64 -3.10 15.36
C ASP A 214 9.09 -4.14 14.34
N ALA A 215 8.65 -4.05 13.09
CA ALA A 215 9.02 -5.07 12.13
C ALA A 215 10.47 -4.90 11.70
N SER A 216 10.98 -5.95 11.04
CA SER A 216 12.38 -5.98 10.63
C SER A 216 12.71 -4.86 9.66
N ASP A 217 11.89 -4.69 8.62
CA ASP A 217 12.34 -3.99 7.43
C ASP A 217 11.58 -2.72 7.09
N ASP A 218 10.38 -2.51 7.62
CA ASP A 218 9.56 -1.37 7.22
C ASP A 218 8.65 -0.95 8.35
N PRO A 219 8.27 0.32 8.43
CA PRO A 219 7.15 0.72 9.27
C PRO A 219 5.89 0.04 8.79
N THR A 220 4.85 0.09 9.64
CA THR A 220 3.52 -0.43 9.27
C THR A 220 2.81 0.62 8.43
N TYR A 221 3.29 0.77 7.20
CA TYR A 221 2.88 1.90 6.36
C TYR A 221 1.50 1.65 5.75
N GLN A 222 0.98 2.69 5.11
CA GLN A 222 -0.27 2.61 4.34
C GLN A 222 -0.13 3.55 3.16
N VAL A 223 -0.11 3.00 1.94
CA VAL A 223 0.16 3.79 0.74
C VAL A 223 -0.90 3.47 -0.31
N LEU A 224 -0.92 4.30 -1.34
CA LEU A 224 -1.67 4.03 -2.56
C LEU A 224 -0.67 3.46 -3.55
N ALA A 225 -0.77 2.17 -3.84
CA ALA A 225 0.27 1.45 -4.56
C ALA A 225 -0.14 1.06 -5.97
N VAL A 226 0.79 1.21 -6.90
CA VAL A 226 0.73 0.57 -8.21
C VAL A 226 1.51 -0.72 -8.12
N GLU A 227 0.88 -1.84 -8.47
CA GLU A 227 1.52 -3.15 -8.42
C GLU A 227 1.50 -3.76 -9.81
N VAL A 228 2.67 -4.24 -10.25
CA VAL A 228 2.85 -4.80 -11.58
C VAL A 228 3.58 -6.13 -11.46
N PHE A 229 2.99 -7.18 -11.99
CA PHE A 229 3.59 -8.51 -11.89
C PHE A 229 3.69 -9.12 -13.28
N ASN A 230 4.90 -9.62 -13.59
CA ASN A 230 5.25 -10.21 -14.89
C ASN A 230 4.73 -9.40 -16.08
N PRO A 231 5.01 -8.10 -16.16
CA PRO A 231 4.52 -7.32 -17.29
C PRO A 231 5.20 -7.73 -18.59
N GLN A 232 4.41 -7.93 -19.64
CA GLN A 232 4.95 -8.23 -20.96
C GLN A 232 5.27 -6.99 -21.76
N LYS A 233 4.78 -5.83 -21.34
CA LYS A 233 5.06 -4.57 -22.00
C LYS A 233 5.29 -3.50 -20.95
N ASN A 234 5.97 -2.42 -21.36
CA ASN A 234 6.13 -1.31 -20.46
C ASN A 234 4.79 -0.63 -20.21
N GLY A 235 4.76 0.23 -19.20
CA GLY A 235 3.53 0.94 -18.92
C GLY A 235 3.81 2.08 -17.98
N THR A 236 2.76 2.85 -17.71
CA THR A 236 2.82 3.98 -16.80
CA THR A 236 2.85 3.90 -16.72
C THR A 236 1.48 4.11 -16.10
N ALA A 237 1.49 4.63 -14.88
CA ALA A 237 0.27 4.98 -14.17
C ALA A 237 0.60 6.21 -13.35
N SER A 238 -0.26 7.21 -13.42
CA SER A 238 0.01 8.48 -12.76
C SER A 238 -1.25 8.99 -12.10
N GLY A 239 -1.05 9.71 -11.00
CA GLY A 239 -2.16 10.27 -10.28
C GLY A 239 -1.76 11.07 -9.07
N GLN A 240 -2.60 11.04 -8.04
CA GLN A 240 -2.35 11.84 -6.85
C GLN A 240 -3.10 11.21 -5.69
N VAL A 241 -2.53 11.35 -4.49
CA VAL A 241 -3.14 10.85 -3.27
C VAL A 241 -3.18 12.00 -2.27
N TRP A 242 -4.20 12.00 -1.41
CA TRP A 242 -4.30 13.01 -0.36
C TRP A 242 -5.15 12.50 0.79
N ASP A 243 -5.15 13.28 1.86
CA ASP A 243 -5.91 12.96 3.07
C ASP A 243 -7.28 13.62 3.00
N GLU A 244 -8.33 12.81 3.07
CA GLU A 244 -9.71 13.28 3.11
C GLU A 244 -10.30 13.19 4.51
N THR A 245 -9.52 12.76 5.50
CA THR A 245 -10.06 12.59 6.84
C THR A 245 -10.65 13.90 7.34
N PRO A 246 -11.89 13.90 7.81
CA PRO A 246 -12.49 15.12 8.34
C PRO A 246 -11.98 15.45 9.73
N ARG A 247 -12.06 16.73 10.06
CA ARG A 247 -11.82 17.20 11.42
C ARG A 247 -12.81 16.48 12.35
O1 MES B . 11.54 1.41 16.90
C2 MES B . 11.82 0.01 17.01
C3 MES B . 10.88 -0.67 18.00
N4 MES B . 10.80 0.11 19.24
C5 MES B . 10.63 1.55 19.13
C6 MES B . 11.68 2.06 18.16
C7 MES B . 9.96 -0.56 20.24
C8 MES B . 10.10 0.15 21.58
S MES B . 9.42 -0.81 22.76
O1S MES B . 9.33 -0.02 24.01
O2S MES B . 8.06 -1.23 22.35
O3S MES B . 10.25 -2.01 22.97
#